data_3C0A
#
_entry.id   3C0A
#
_cell.length_a   78.518
_cell.length_b   78.518
_cell.length_c   224.377
_cell.angle_alpha   90.00
_cell.angle_beta   90.00
_cell.angle_gamma   120.00
#
_symmetry.space_group_name_H-M   'P 61 2 2'
#
loop_
_entity.id
_entity.type
_entity.pdbx_description
1 polymer 'Thymidylate synthase'
2 non-polymer "2'-DEOXYURIDINE 5'-MONOPHOSPHATE"
3 non-polymer 2-(2-chloropyridin-4-yl)-4-methyl-1H-isoindole-1,3(2H)-dione
4 water water
#
_entity_poly.entity_id   1
_entity_poly.type   'polypeptide(L)'
_entity_poly.pdbx_seq_one_letter_code
;MLEQPYLDLAKKVLDEGHFKPDRTHTGTYSIFGHQMRFDLSKGFPLLTTKKVPFGLIKSELLWFLHGDTNIRFLLQHRNH
IWDEWAFEKWVKSDEYHGPDMTDFGHRSQKDPEFAAVYHEEMAKFDDRVLHDDAFAAKYGDLGLVYGSQWRAWHTSKGDT
IDQLGDVIEQIKTHPYSRRLIVSAWNPEDVPTMALPPCHTLYQFYVNDGKLSLQLYQRSADIFLGVPFNIASYALLTHLV
AHECGLEVGEFIHTFGDAHLYVNHLDQIKEQLSRTPRPAPTLQLNPDKHDIFDFDMKDIKLLNYDPYPAIKAPVAV
;
_entity_poly.pdbx_strand_id   A
#
# COMPACT_ATOMS: atom_id res chain seq x y z
N MET A 1 -7.53 -14.37 -16.33
CA MET A 1 -6.27 -13.63 -16.04
C MET A 1 -6.18 -13.21 -14.56
N LEU A 2 -4.95 -12.94 -14.11
CA LEU A 2 -4.59 -12.67 -12.71
C LEU A 2 -5.27 -11.46 -12.09
N GLU A 3 -5.63 -10.51 -12.95
CA GLU A 3 -6.15 -9.20 -12.54
C GLU A 3 -7.65 -9.18 -12.68
N GLN A 4 -8.18 -10.26 -13.26
CA GLN A 4 -9.65 -10.54 -13.33
C GLN A 4 -10.41 -10.37 -11.99
N PRO A 5 -9.87 -10.89 -10.85
CA PRO A 5 -10.59 -10.52 -9.62
C PRO A 5 -10.88 -9.03 -9.40
N TYR A 6 -9.95 -8.12 -9.80
CA TYR A 6 -10.17 -6.67 -9.69
C TYR A 6 -11.34 -6.16 -10.52
N LEU A 7 -11.40 -6.65 -11.76
CA LEU A 7 -12.40 -6.26 -12.76
C LEU A 7 -13.78 -6.77 -12.38
N ASP A 8 -13.86 -8.03 -11.93
CA ASP A 8 -15.10 -8.59 -11.28
C ASP A 8 -15.71 -7.79 -10.14
N LEU A 9 -14.84 -7.24 -9.28
CA LEU A 9 -15.28 -6.45 -8.12
C LEU A 9 -15.72 -5.09 -8.56
N ALA A 10 -15.07 -4.51 -9.56
CA ALA A 10 -15.54 -3.24 -10.08
C ALA A 10 -16.86 -3.42 -10.86
N LYS A 11 -16.93 -4.41 -11.74
CA LYS A 11 -18.20 -4.82 -12.32
C LYS A 11 -19.34 -4.96 -11.24
N LYS A 12 -19.10 -5.73 -10.17
CA LYS A 12 -20.11 -6.02 -9.12
C LYS A 12 -20.59 -4.85 -8.26
N VAL A 13 -19.73 -3.87 -8.02
CA VAL A 13 -20.14 -2.65 -7.32
C VAL A 13 -20.96 -1.75 -8.24
N LEU A 14 -20.68 -1.89 -9.52
CA LEU A 14 -21.36 -1.17 -10.55
C LEU A 14 -22.81 -1.70 -10.72
N ASP A 15 -22.95 -3.01 -10.89
CA ASP A 15 -24.26 -3.65 -10.98
C ASP A 15 -24.98 -3.71 -9.64
N GLU A 16 -24.53 -4.55 -8.70
CA GLU A 16 -25.23 -4.59 -7.39
C GLU A 16 -24.69 -3.77 -6.22
N GLY A 17 -23.96 -2.69 -6.48
CA GLY A 17 -23.48 -1.90 -5.36
C GLY A 17 -24.64 -1.19 -4.71
N HIS A 18 -24.47 -0.79 -3.45
CA HIS A 18 -25.43 0.08 -2.78
C HIS A 18 -25.03 1.56 -2.69
N PHE A 19 -25.98 2.45 -2.94
CA PHE A 19 -25.77 3.88 -2.79
C PHE A 19 -25.73 4.34 -1.32
N LYS A 20 -24.87 5.33 -1.05
CA LYS A 20 -24.84 6.09 0.21
C LYS A 20 -24.17 7.45 0.03
N PRO A 21 -24.75 8.51 0.65
CA PRO A 21 -24.17 9.85 0.55
C PRO A 21 -23.06 10.09 1.57
N THR A 26 -20.19 14.42 -3.49
CA THR A 26 -20.71 13.28 -4.26
C THR A 26 -20.54 12.00 -3.43
N GLY A 27 -21.58 11.15 -3.44
CA GLY A 27 -21.68 9.93 -2.60
C GLY A 27 -21.05 8.71 -3.24
N THR A 28 -21.38 7.50 -2.73
CA THR A 28 -20.74 6.26 -3.21
C THR A 28 -21.70 5.11 -3.63
N TYR A 29 -21.12 4.09 -4.23
CA TYR A 29 -21.74 2.78 -4.49
C TYR A 29 -20.82 1.75 -3.85
N SER A 30 -21.31 1.03 -2.87
CA SER A 30 -20.41 0.16 -2.14
C SER A 30 -20.96 -1.22 -1.86
N ILE A 31 -20.02 -2.11 -1.57
CA ILE A 31 -20.26 -3.48 -1.25
C ILE A 31 -19.35 -3.90 -0.06
N PHE A 32 -19.92 -4.71 0.87
CA PHE A 32 -19.29 -5.16 2.14
C PHE A 32 -18.86 -6.61 2.18
N GLY A 33 -17.61 -6.92 2.43
CA GLY A 33 -17.23 -8.31 2.55
C GLY A 33 -16.55 -9.03 1.41
N HIS A 34 -16.36 -8.39 0.24
CA HIS A 34 -15.64 -9.02 -0.92
C HIS A 34 -14.15 -9.46 -0.75
N GLN A 35 -13.78 -10.57 -1.37
CA GLN A 35 -12.41 -11.01 -1.36
C GLN A 35 -11.82 -11.12 -2.77
N MET A 36 -10.52 -10.82 -2.95
CA MET A 36 -9.83 -11.13 -4.22
C MET A 36 -8.63 -12.00 -3.96
N ARG A 37 -8.42 -13.03 -4.78
CA ARG A 37 -7.21 -13.86 -4.67
C ARG A 37 -6.29 -13.78 -5.91
N PHE A 38 -4.99 -13.87 -5.67
CA PHE A 38 -3.97 -13.69 -6.68
C PHE A 38 -2.85 -14.65 -6.38
N ASP A 39 -2.75 -15.68 -7.21
CA ASP A 39 -1.65 -16.63 -7.24
C ASP A 39 -0.33 -15.92 -7.76
N LEU A 40 0.61 -15.62 -6.88
CA LEU A 40 1.73 -14.73 -7.27
C LEU A 40 2.83 -15.52 -7.99
N SER A 41 2.61 -16.82 -8.13
CA SER A 41 3.46 -17.68 -8.92
C SER A 41 3.07 -17.69 -10.42
N LYS A 42 1.95 -17.06 -10.75
CA LYS A 42 1.50 -16.88 -12.13
C LYS A 42 1.85 -15.48 -12.69
N GLY A 43 2.54 -14.67 -11.90
CA GLY A 43 2.98 -13.36 -12.32
C GLY A 43 2.85 -12.38 -11.19
N PHE A 44 3.02 -11.08 -11.49
CA PHE A 44 2.77 -9.97 -10.58
C PHE A 44 1.48 -9.21 -10.95
N PRO A 45 0.61 -8.90 -9.93
CA PRO A 45 -0.70 -8.23 -10.05
C PRO A 45 -0.76 -6.72 -10.22
N LEU A 46 0.20 -6.15 -10.94
CA LEU A 46 -0.02 -4.77 -11.42
C LEU A 46 -1.08 -4.77 -12.53
N LEU A 47 -2.10 -3.92 -12.47
CA LEU A 47 -3.08 -3.86 -13.55
C LEU A 47 -2.48 -3.53 -14.94
N THR A 48 -2.82 -4.36 -15.92
CA THR A 48 -2.59 -3.99 -17.33
C THR A 48 -3.71 -3.22 -17.99
N THR A 49 -4.94 -3.35 -17.49
CA THR A 49 -6.07 -2.59 -18.06
C THR A 49 -6.04 -1.08 -17.79
N LYS A 50 -5.04 -0.66 -17.05
CA LYS A 50 -4.79 0.72 -16.72
C LYS A 50 -3.34 0.74 -16.26
N LYS A 51 -2.62 1.80 -16.61
CA LYS A 51 -1.24 1.97 -16.14
C LYS A 51 -1.17 2.35 -14.67
N VAL A 52 -0.38 1.57 -13.95
CA VAL A 52 -0.19 1.77 -12.51
C VAL A 52 1.30 2.08 -12.25
N PRO A 53 1.64 3.28 -11.72
CA PRO A 53 3.02 3.73 -11.37
C PRO A 53 3.78 2.91 -10.30
N PHE A 54 4.48 1.88 -10.72
CA PHE A 54 5.16 0.97 -9.85
C PHE A 54 6.34 1.49 -8.99
N GLY A 55 6.92 2.62 -9.38
CA GLY A 55 8.06 3.16 -8.63
C GLY A 55 7.55 3.98 -7.46
N LEU A 56 6.32 4.46 -7.60
CA LEU A 56 5.57 5.05 -6.49
C LEU A 56 5.13 3.96 -5.49
N ILE A 57 4.69 2.81 -5.99
CA ILE A 57 4.36 1.66 -5.15
C ILE A 57 5.65 1.32 -4.41
N LYS A 58 6.66 0.91 -5.18
CA LYS A 58 8.06 0.67 -4.78
C LYS A 58 8.66 1.60 -3.74
N SER A 59 8.48 2.90 -3.87
CA SER A 59 9.17 3.79 -2.92
C SER A 59 8.38 3.91 -1.63
N GLU A 60 7.05 3.92 -1.75
CA GLU A 60 6.18 4.10 -0.60
C GLU A 60 6.07 2.82 0.23
N LEU A 61 6.50 1.70 -0.34
CA LEU A 61 6.72 0.49 0.44
C LEU A 61 8.02 0.57 1.23
N LEU A 62 9.10 1.01 0.60
CA LEU A 62 10.41 0.95 1.27
C LEU A 62 10.45 1.99 2.37
N TRP A 63 9.75 3.10 2.16
CA TRP A 63 9.54 4.09 3.18
C TRP A 63 8.94 3.51 4.48
N PHE A 64 7.79 2.84 4.39
CA PHE A 64 7.20 2.05 5.53
C PHE A 64 8.15 1.05 6.15
N LEU A 65 8.99 0.43 5.32
CA LEU A 65 9.78 -0.72 5.73
C LEU A 65 11.08 -0.28 6.39
N HIS A 66 11.40 1.01 6.26
CA HIS A 66 12.47 1.64 7.08
C HIS A 66 11.98 2.13 8.44
N GLY A 67 10.67 2.05 8.65
CA GLY A 67 10.04 2.61 9.81
C GLY A 67 9.94 4.12 9.71
N ASP A 68 10.05 4.64 8.48
CA ASP A 68 10.14 6.10 8.23
C ASP A 68 8.76 6.74 8.04
N THR A 69 8.52 7.89 8.67
CA THR A 69 7.26 8.66 8.59
C THR A 69 7.46 10.12 8.16
N ASN A 70 8.68 10.44 7.72
CA ASN A 70 9.00 11.75 7.14
C ASN A 70 8.88 11.76 5.63
N ILE A 71 8.19 12.77 5.12
CA ILE A 71 8.04 12.99 3.67
C ILE A 71 9.34 13.07 2.81
N ARG A 72 10.39 13.70 3.34
CA ARG A 72 11.69 13.79 2.65
C ARG A 72 12.10 12.55 1.87
N PHE A 73 12.04 11.39 2.48
CA PHE A 73 12.48 10.15 1.78
C PHE A 73 11.72 9.93 0.46
N LEU A 74 10.48 10.42 0.42
CA LEU A 74 9.53 10.11 -0.66
C LEU A 74 9.63 11.03 -1.82
N LEU A 75 9.88 12.34 -1.41
CA LEU A 75 10.42 13.43 -2.28
C LEU A 75 11.91 13.31 -2.80
N GLN A 76 12.73 12.47 -2.20
CA GLN A 76 14.10 12.26 -2.67
C GLN A 76 14.04 11.16 -3.68
N HIS A 77 12.81 10.79 -4.00
CA HIS A 77 12.55 9.64 -4.83
C HIS A 77 11.48 9.97 -5.84
N ARG A 78 11.08 11.25 -5.88
CA ARG A 78 10.15 11.78 -6.87
C ARG A 78 8.75 11.22 -6.69
N ASN A 79 8.48 10.72 -5.49
CA ASN A 79 7.17 10.22 -5.07
C ASN A 79 6.48 11.25 -4.19
N HIS A 80 5.29 11.67 -4.63
CA HIS A 80 4.54 12.74 -4.02
C HIS A 80 3.19 12.28 -3.45
N ILE A 81 3.08 10.95 -3.31
CA ILE A 81 1.91 10.22 -2.75
C ILE A 81 1.40 10.72 -1.39
N TRP A 82 2.29 10.92 -0.43
CA TRP A 82 1.85 11.20 0.93
C TRP A 82 1.91 12.65 1.36
N ASP A 83 2.26 13.54 0.42
CA ASP A 83 2.57 14.94 0.69
C ASP A 83 1.41 15.77 1.24
N GLU A 84 0.18 15.43 0.85
CA GLU A 84 -1.01 16.23 1.15
C GLU A 84 -1.19 16.42 2.66
N TRP A 85 -1.18 15.32 3.41
CA TRP A 85 -1.43 15.37 4.85
C TRP A 85 -0.27 15.95 5.62
N ALA A 86 0.90 16.00 4.97
CA ALA A 86 2.06 16.78 5.43
C ALA A 86 1.81 18.26 5.22
N PHE A 87 1.48 18.65 3.98
CA PHE A 87 1.12 20.04 3.63
C PHE A 87 0.01 20.54 4.55
N GLU A 88 -0.99 19.68 4.76
CA GLU A 88 -2.12 19.89 5.66
C GLU A 88 -1.67 20.28 7.07
N LYS A 89 -0.51 19.74 7.49
CA LYS A 89 0.01 19.90 8.86
C LYS A 89 0.94 21.11 9.05
N TRP A 90 1.10 21.91 8.00
CA TRP A 90 1.94 23.10 8.02
C TRP A 90 1.10 24.36 7.84
N VAL A 91 -0.11 24.19 7.33
CA VAL A 91 -1.00 25.33 7.11
C VAL A 91 -1.89 25.61 8.34
N LYS A 92 -2.30 24.57 9.04
CA LYS A 92 -3.07 24.72 10.29
C LYS A 92 -2.12 24.98 11.48
N SER A 93 -0.89 25.39 11.15
CA SER A 93 0.19 25.53 12.11
C SER A 93 0.22 26.88 12.84
N ASP A 94 1.30 27.09 13.60
CA ASP A 94 1.62 28.34 14.26
C ASP A 94 2.45 29.23 13.33
N GLU A 95 3.01 28.63 12.27
CA GLU A 95 3.98 29.30 11.38
C GLU A 95 3.34 29.98 10.17
N TYR A 96 2.32 29.33 9.61
CA TYR A 96 1.82 29.63 8.26
C TYR A 96 1.45 31.08 7.93
N HIS A 97 1.97 31.55 6.78
CA HIS A 97 1.69 32.90 6.28
C HIS A 97 1.16 32.87 4.84
N TYR A 118 -1.83 27.20 -3.37
CA TYR A 118 -1.76 25.75 -3.48
C TYR A 118 -0.68 25.28 -4.47
N HIS A 119 -1.05 25.00 -5.72
CA HIS A 119 -0.15 24.33 -6.71
C HIS A 119 1.34 24.78 -6.69
N GLU A 120 1.62 26.04 -6.36
CA GLU A 120 3.02 26.51 -6.22
C GLU A 120 3.61 26.54 -4.81
N GLU A 121 2.80 26.90 -3.83
CA GLU A 121 3.24 26.88 -2.43
C GLU A 121 3.47 25.44 -1.89
N MET A 122 3.07 24.45 -2.69
CA MET A 122 3.27 23.04 -2.42
C MET A 122 4.61 22.62 -3.03
N ALA A 123 5.13 23.43 -3.95
CA ALA A 123 6.51 23.24 -4.43
C ALA A 123 7.49 23.85 -3.42
N LYS A 124 6.96 24.72 -2.56
CA LYS A 124 7.70 25.38 -1.49
C LYS A 124 8.06 24.36 -0.42
N PHE A 125 7.00 23.83 0.22
CA PHE A 125 7.07 22.73 1.17
C PHE A 125 8.19 21.73 0.86
N ASP A 126 8.35 21.41 -0.42
CA ASP A 126 9.20 20.32 -0.90
C ASP A 126 10.71 20.58 -1.02
N ASP A 127 11.11 21.82 -1.30
CA ASP A 127 12.53 22.16 -1.22
C ASP A 127 12.95 22.49 0.22
N ARG A 128 12.08 23.21 0.94
CA ARG A 128 12.26 23.47 2.36
C ARG A 128 12.38 22.14 3.13
N VAL A 129 11.35 21.30 3.07
CA VAL A 129 11.42 19.95 3.65
C VAL A 129 12.63 19.19 3.14
N LEU A 130 12.82 19.19 1.82
CA LEU A 130 13.92 18.49 1.18
C LEU A 130 15.31 18.89 1.70
N HIS A 131 15.49 20.18 2.04
CA HIS A 131 16.84 20.72 2.35
C HIS A 131 17.07 21.27 3.77
N ASP A 132 16.00 21.40 4.55
CA ASP A 132 16.05 22.07 5.86
C ASP A 132 15.67 21.09 6.99
N ASP A 133 16.68 20.58 7.71
CA ASP A 133 16.55 19.55 8.74
C ASP A 133 15.54 19.91 9.84
N ALA A 134 15.59 21.15 10.33
CA ALA A 134 14.66 21.64 11.37
C ALA A 134 13.23 21.94 10.86
N PHE A 135 13.04 21.87 9.54
CA PHE A 135 11.72 22.02 8.93
C PHE A 135 11.15 20.64 8.62
N ALA A 136 11.95 19.77 8.01
CA ALA A 136 11.60 18.37 7.76
C ALA A 136 11.22 17.59 9.02
N ALA A 137 11.60 18.12 10.19
CA ALA A 137 11.34 17.45 11.46
C ALA A 137 9.98 17.85 12.03
N LYS A 138 9.52 19.06 11.70
CA LYS A 138 8.18 19.45 12.15
C LYS A 138 7.10 19.01 11.17
N TYR A 139 7.32 19.31 9.90
CA TYR A 139 6.28 19.18 8.88
C TYR A 139 6.48 18.03 7.91
N GLY A 140 7.70 17.52 7.81
CA GLY A 140 7.93 16.29 7.06
C GLY A 140 7.15 15.14 7.67
N ASP A 141 7.15 15.10 9.01
CA ASP A 141 6.74 13.92 9.79
C ASP A 141 5.21 13.79 9.97
N LEU A 142 4.65 12.73 9.38
CA LEU A 142 3.20 12.50 9.47
C LEU A 142 2.77 11.84 10.79
N GLY A 143 3.73 11.19 11.45
CA GLY A 143 3.54 10.73 12.80
C GLY A 143 2.99 9.34 12.76
N LEU A 144 1.71 9.19 13.13
CA LEU A 144 1.00 7.94 12.94
C LEU A 144 0.50 7.37 11.57
N VAL A 145 1.47 7.03 10.73
CA VAL A 145 1.27 6.42 9.45
C VAL A 145 1.92 5.03 9.55
N TYR A 146 1.95 4.23 8.47
CA TYR A 146 2.32 2.79 8.50
C TYR A 146 3.71 2.39 8.98
N GLY A 147 4.70 3.24 8.73
CA GLY A 147 6.08 2.91 9.10
C GLY A 147 6.24 2.75 10.61
N SER A 148 5.63 3.66 11.37
CA SER A 148 5.50 3.51 12.80
C SER A 148 4.67 2.32 13.33
N GLN A 149 3.50 2.08 12.77
CA GLN A 149 2.69 0.98 13.25
C GLN A 149 3.35 -0.32 12.92
N TRP A 150 4.01 -0.41 11.77
CA TRP A 150 4.66 -1.65 11.37
C TRP A 150 5.96 -1.96 12.13
N ARG A 151 6.78 -0.92 12.33
CA ARG A 151 8.18 -1.04 12.81
C ARG A 151 8.41 -0.34 14.15
N ALA A 152 7.46 0.43 14.65
CA ALA A 152 7.66 1.12 15.91
C ALA A 152 6.31 1.38 16.59
N TRP A 153 5.68 0.34 17.10
CA TRP A 153 4.37 0.54 17.70
C TRP A 153 4.64 1.12 19.11
N HIS A 154 3.91 2.12 19.54
CA HIS A 154 4.21 2.81 20.78
C HIS A 154 3.51 2.04 21.88
N THR A 155 4.25 1.72 22.96
CA THR A 155 3.68 0.94 24.07
C THR A 155 3.33 1.76 25.31
N SER A 156 2.57 1.14 26.23
CA SER A 156 2.18 1.76 27.52
C SER A 156 3.33 2.33 28.33
N LYS A 157 4.47 1.64 28.26
CA LYS A 157 5.66 2.01 28.99
C LYS A 157 6.48 3.06 28.23
N GLY A 158 6.01 3.46 27.05
CA GLY A 158 6.83 4.27 26.15
C GLY A 158 8.08 3.60 25.54
N ASP A 159 8.12 2.28 25.48
CA ASP A 159 9.09 1.64 24.57
C ASP A 159 8.42 1.60 23.18
N THR A 160 8.91 0.78 22.27
CA THR A 160 8.44 0.80 20.90
C THR A 160 8.60 -0.60 20.36
N ILE A 161 7.66 -1.08 19.55
CA ILE A 161 7.78 -2.45 19.03
C ILE A 161 7.85 -2.53 17.51
N ASP A 162 8.86 -3.26 17.04
CA ASP A 162 8.99 -3.67 15.66
C ASP A 162 8.17 -4.94 15.35
N GLN A 163 6.85 -4.82 15.12
CA GLN A 163 6.03 -6.07 14.96
C GLN A 163 6.38 -6.86 13.72
N LEU A 164 6.60 -6.15 12.61
CA LEU A 164 7.04 -6.75 11.37
C LEU A 164 8.40 -7.43 11.47
N GLY A 165 9.33 -6.76 12.14
CA GLY A 165 10.56 -7.40 12.60
C GLY A 165 10.32 -8.67 13.37
N ASP A 166 9.54 -8.57 14.44
CA ASP A 166 9.21 -9.75 15.23
C ASP A 166 8.59 -10.83 14.32
N VAL A 167 7.60 -10.45 13.49
CA VAL A 167 6.92 -11.41 12.63
C VAL A 167 7.87 -12.13 11.70
N ILE A 168 8.68 -11.40 10.93
CA ILE A 168 9.58 -12.05 9.98
C ILE A 168 10.49 -13.05 10.70
N GLU A 169 11.03 -12.66 11.84
CA GLU A 169 11.86 -13.56 12.64
C GLU A 169 11.07 -14.78 13.09
N GLN A 170 9.77 -14.59 13.31
CA GLN A 170 8.84 -15.71 13.55
C GLN A 170 8.61 -16.64 12.34
N ILE A 171 8.42 -16.07 11.14
CA ILE A 171 8.24 -16.87 9.91
C ILE A 171 9.41 -17.85 9.78
N LYS A 172 10.65 -17.35 9.88
CA LYS A 172 11.86 -18.16 9.72
C LYS A 172 11.90 -19.30 10.72
N THR A 173 11.50 -18.98 11.94
CA THR A 173 11.62 -19.81 13.14
C THR A 173 10.40 -20.73 13.27
N HIS A 174 9.21 -20.13 13.24
CA HIS A 174 7.96 -20.89 13.37
C HIS A 174 7.01 -20.63 12.22
N PRO A 175 7.33 -21.20 11.03
CA PRO A 175 6.60 -20.88 9.79
C PRO A 175 5.14 -21.31 9.85
N TYR A 176 4.81 -22.21 10.78
CA TYR A 176 3.45 -22.71 10.85
C TYR A 176 2.55 -21.96 11.88
N SER A 177 3.06 -20.92 12.55
CA SER A 177 2.15 -20.24 13.49
C SER A 177 0.99 -19.50 12.83
N ARG A 178 -0.10 -19.44 13.58
CA ARG A 178 -1.33 -18.82 13.15
C ARG A 178 -1.38 -17.45 13.76
N ARG A 179 -0.26 -17.02 14.34
CA ARG A 179 -0.05 -15.73 14.98
C ARG A 179 0.86 -14.79 14.20
N LEU A 180 1.08 -15.06 12.91
CA LEU A 180 1.96 -14.18 12.05
C LEU A 180 1.21 -12.95 11.58
N ILE A 181 0.99 -11.97 12.48
CA ILE A 181 0.02 -10.88 12.22
C ILE A 181 0.66 -9.54 12.46
N VAL A 182 0.24 -8.53 11.66
CA VAL A 182 0.65 -7.15 11.83
C VAL A 182 -0.60 -6.23 11.76
N SER A 183 -0.86 -5.53 12.83
CA SER A 183 -1.94 -4.62 12.90
C SER A 183 -1.44 -3.17 12.73
N ALA A 184 -2.21 -2.36 12.01
CA ALA A 184 -2.01 -0.94 11.95
C ALA A 184 -3.10 -0.20 12.73
N TRP A 185 -3.96 -0.94 13.42
CA TRP A 185 -5.12 -0.36 14.12
C TRP A 185 -4.87 -0.09 15.64
N ASN A 186 -4.84 1.17 16.05
CA ASN A 186 -4.60 1.50 17.47
C ASN A 186 -5.82 2.12 18.05
N PRO A 187 -6.60 1.35 18.82
CA PRO A 187 -7.80 1.90 19.42
C PRO A 187 -7.53 3.15 20.24
N GLU A 188 -6.31 3.32 20.75
CA GLU A 188 -5.98 4.56 21.48
C GLU A 188 -5.83 5.79 20.54
N ASP A 189 -5.07 5.64 19.44
CA ASP A 189 -4.92 6.69 18.43
C ASP A 189 -6.14 6.98 17.56
N VAL A 190 -6.80 5.92 17.04
CA VAL A 190 -7.85 6.06 15.98
C VAL A 190 -8.97 7.07 16.18
N PRO A 191 -9.39 7.34 17.45
CA PRO A 191 -10.29 8.50 17.64
C PRO A 191 -9.66 9.88 17.36
N THR A 192 -8.37 10.04 17.66
CA THR A 192 -7.65 11.33 17.55
C THR A 192 -7.03 11.51 16.15
N MET A 193 -6.44 10.45 15.61
CA MET A 193 -5.56 10.55 14.46
C MET A 193 -6.20 10.99 13.15
N ALA A 194 -5.36 11.67 12.35
CA ALA A 194 -5.71 12.24 11.03
C ALA A 194 -6.34 11.25 10.06
N LEU A 195 -5.71 10.11 9.84
CA LEU A 195 -6.29 9.10 8.96
C LEU A 195 -6.18 7.64 9.52
N PRO A 196 -7.26 7.13 10.16
CA PRO A 196 -7.29 5.70 10.62
C PRO A 196 -6.94 4.72 9.50
N PRO A 197 -5.93 3.85 9.69
CA PRO A 197 -5.41 3.09 8.55
C PRO A 197 -6.48 2.20 7.90
N CYS A 198 -6.57 2.30 6.56
CA CYS A 198 -7.45 1.52 5.72
C CYS A 198 -6.94 0.14 5.61
N HIS A 199 -5.61 0.00 5.69
CA HIS A 199 -4.95 -1.29 5.65
C HIS A 199 -4.75 -1.70 7.10
N THR A 200 -5.85 -2.27 7.58
CA THR A 200 -6.14 -2.42 8.97
C THR A 200 -5.25 -3.43 9.59
N LEU A 201 -5.09 -4.58 8.93
CA LEU A 201 -4.42 -5.71 9.47
C LEU A 201 -3.99 -6.64 8.31
N TYR A 202 -2.90 -7.39 8.53
CA TYR A 202 -2.51 -8.46 7.63
C TYR A 202 -1.91 -9.64 8.38
N GLN A 203 -1.92 -10.81 7.73
CA GLN A 203 -1.50 -12.09 8.25
C GLN A 203 -0.77 -12.92 7.15
N PHE A 204 0.31 -13.59 7.57
CA PHE A 204 1.09 -14.52 6.79
C PHE A 204 0.74 -15.98 7.11
N TYR A 205 1.00 -16.84 6.15
CA TYR A 205 0.76 -18.24 6.25
C TYR A 205 1.77 -18.95 5.39
N VAL A 206 2.40 -19.99 5.95
CA VAL A 206 3.33 -20.79 5.16
C VAL A 206 2.76 -22.19 4.95
N ASN A 207 3.06 -22.78 3.80
CA ASN A 207 2.64 -24.15 3.52
C ASN A 207 3.29 -24.97 2.41
N ASP A 208 4.18 -25.87 2.79
CA ASP A 208 5.01 -26.60 1.83
C ASP A 208 5.55 -25.51 0.89
N GLY A 209 6.47 -24.71 1.40
CA GLY A 209 7.43 -24.01 0.56
C GLY A 209 7.08 -22.56 0.29
N LYS A 210 5.82 -22.22 0.47
CA LYS A 210 5.28 -20.95 -0.07
C LYS A 210 4.60 -20.01 0.92
N LEU A 211 4.87 -18.72 0.78
CA LEU A 211 4.36 -17.69 1.68
C LEU A 211 3.13 -16.98 1.09
N SER A 212 2.01 -17.00 1.83
CA SER A 212 0.77 -16.33 1.41
C SER A 212 0.55 -15.19 2.37
N LEU A 213 -0.14 -14.14 1.92
CA LEU A 213 -0.48 -13.04 2.80
C LEU A 213 -1.92 -12.76 2.53
N GLN A 214 -2.64 -12.35 3.57
CA GLN A 214 -3.99 -11.92 3.47
C GLN A 214 -4.03 -10.60 4.15
N LEU A 215 -4.81 -9.67 3.58
CA LEU A 215 -4.96 -8.27 4.05
C LEU A 215 -6.42 -8.02 4.34
N TYR A 216 -6.68 -7.39 5.46
CA TYR A 216 -7.99 -6.91 5.78
C TYR A 216 -7.94 -5.44 5.57
N GLN A 217 -8.71 -4.96 4.61
CA GLN A 217 -8.67 -3.59 4.31
C GLN A 217 -10.08 -3.11 4.59
N ARG A 218 -10.23 -2.19 5.54
CA ARG A 218 -11.52 -1.88 6.08
C ARG A 218 -12.37 -1.01 5.19
N SER A 219 -11.69 -0.33 4.26
CA SER A 219 -12.24 0.69 3.39
C SER A 219 -11.31 0.78 2.19
N ALA A 220 -11.88 0.77 0.99
CA ALA A 220 -11.14 0.77 -0.29
C ALA A 220 -11.82 1.68 -1.37
N ASP A 221 -11.11 2.67 -1.96
CA ASP A 221 -11.59 3.27 -3.26
C ASP A 221 -11.14 2.33 -4.32
N ILE A 222 -12.12 1.68 -4.95
CA ILE A 222 -11.87 0.70 -6.02
C ILE A 222 -11.14 1.26 -7.29
N PHE A 223 -11.37 2.53 -7.62
CA PHE A 223 -10.77 3.11 -8.84
C PHE A 223 -9.40 3.69 -8.56
N LEU A 224 -9.30 4.62 -7.65
CA LEU A 224 -8.01 5.20 -7.39
C LEU A 224 -7.08 4.35 -6.51
N GLY A 225 -7.53 3.90 -5.33
CA GLY A 225 -6.60 3.25 -4.38
C GLY A 225 -6.34 1.79 -4.58
N VAL A 226 -7.39 1.04 -4.89
CA VAL A 226 -7.25 -0.43 -4.94
C VAL A 226 -6.15 -1.02 -5.83
N PRO A 227 -6.04 -0.53 -7.11
CA PRO A 227 -4.96 -0.94 -8.02
C PRO A 227 -3.52 -0.78 -7.43
N PHE A 228 -3.26 0.26 -6.64
CA PHE A 228 -1.99 0.39 -5.87
C PHE A 228 -1.91 -0.59 -4.71
N ASN A 229 -2.95 -0.56 -3.85
CA ASN A 229 -3.11 -1.47 -2.67
C ASN A 229 -2.69 -2.88 -3.02
N ILE A 230 -3.14 -3.38 -4.16
CA ILE A 230 -2.77 -4.76 -4.57
C ILE A 230 -1.31 -4.90 -4.90
N ALA A 231 -0.76 -3.90 -5.57
CA ALA A 231 0.64 -3.96 -5.95
C ALA A 231 1.51 -3.87 -4.69
N SER A 232 1.27 -2.89 -3.83
CA SER A 232 2.03 -2.89 -2.55
C SER A 232 2.04 -4.18 -1.75
N TYR A 233 0.89 -4.83 -1.62
CA TYR A 233 0.81 -6.04 -0.80
C TYR A 233 1.29 -7.28 -1.51
N ALA A 234 1.16 -7.29 -2.83
CA ALA A 234 1.87 -8.34 -3.60
C ALA A 234 3.40 -8.17 -3.51
N LEU A 235 3.88 -6.92 -3.64
CA LEU A 235 5.29 -6.66 -3.56
C LEU A 235 5.77 -7.05 -2.13
N LEU A 236 5.11 -6.50 -1.11
CA LEU A 236 5.39 -6.92 0.30
C LEU A 236 5.47 -8.42 0.53
N THR A 237 4.50 -9.17 0.01
CA THR A 237 4.59 -10.67 0.09
C THR A 237 5.80 -11.27 -0.61
N HIS A 238 6.17 -10.76 -1.81
CA HIS A 238 7.41 -11.22 -2.52
C HIS A 238 8.70 -10.88 -1.71
N LEU A 239 8.82 -9.63 -1.26
CA LEU A 239 9.98 -9.18 -0.47
C LEU A 239 10.20 -10.04 0.78
N VAL A 240 9.16 -10.15 1.62
CA VAL A 240 9.16 -11.08 2.76
C VAL A 240 9.40 -12.57 2.40
N ALA A 241 8.83 -13.07 1.30
CA ALA A 241 9.15 -14.45 0.85
C ALA A 241 10.64 -14.63 0.54
N HIS A 242 11.24 -13.52 0.10
CA HIS A 242 12.63 -13.44 -0.37
C HIS A 242 13.58 -13.59 0.81
N GLU A 243 13.44 -12.69 1.79
CA GLU A 243 14.17 -12.76 3.07
C GLU A 243 14.10 -14.08 3.80
N CYS A 244 12.94 -14.77 3.78
CA CYS A 244 12.82 -16.06 4.47
C CYS A 244 13.08 -17.30 3.65
N GLY A 245 13.65 -17.14 2.46
CA GLY A 245 14.07 -18.28 1.63
C GLY A 245 12.90 -19.04 1.06
N LEU A 246 11.74 -18.38 0.91
CA LEU A 246 10.53 -19.10 0.48
C LEU A 246 10.01 -18.66 -0.88
N GLU A 247 9.35 -19.58 -1.56
CA GLU A 247 8.58 -19.22 -2.72
C GLU A 247 7.18 -18.70 -2.42
N VAL A 248 6.63 -17.96 -3.36
CA VAL A 248 5.49 -17.15 -3.06
C VAL A 248 4.20 -17.88 -3.34
N GLY A 249 3.15 -17.52 -2.58
CA GLY A 249 1.87 -18.23 -2.61
C GLY A 249 0.75 -17.30 -3.08
N GLU A 250 -0.33 -17.22 -2.31
CA GLU A 250 -1.47 -16.34 -2.63
C GLU A 250 -1.35 -15.01 -1.99
N PHE A 251 -1.82 -13.99 -2.68
CA PHE A 251 -2.16 -12.81 -1.99
C PHE A 251 -3.67 -12.71 -2.07
N ILE A 252 -4.30 -12.69 -0.89
CA ILE A 252 -5.74 -12.67 -0.66
C ILE A 252 -6.06 -11.31 -0.09
N HIS A 253 -6.99 -10.60 -0.70
CA HIS A 253 -7.26 -9.22 -0.42
C HIS A 253 -8.72 -9.13 -0.02
N THR A 254 -8.98 -8.82 1.26
CA THR A 254 -10.28 -9.00 1.88
C THR A 254 -10.73 -7.58 2.18
N PHE A 255 -12.01 -7.31 1.88
CA PHE A 255 -12.58 -5.99 2.08
C PHE A 255 -13.69 -6.02 3.13
N GLY A 256 -13.67 -5.05 4.04
CA GLY A 256 -14.89 -4.44 4.53
C GLY A 256 -15.68 -3.76 3.44
N ASP A 257 -15.58 -2.44 3.37
CA ASP A 257 -16.39 -1.65 2.45
C ASP A 257 -15.57 -1.19 1.24
N ALA A 258 -15.67 -1.93 0.14
CA ALA A 258 -15.09 -1.50 -1.13
C ALA A 258 -16.12 -0.71 -1.91
N HIS A 259 -15.78 0.53 -2.26
CA HIS A 259 -16.71 1.48 -2.80
C HIS A 259 -16.22 2.24 -4.06
N LEU A 260 -17.18 2.61 -4.91
CA LEU A 260 -16.95 3.49 -6.06
C LEU A 260 -17.53 4.87 -5.80
N TYR A 261 -16.77 5.93 -6.05
CA TYR A 261 -17.37 7.27 -6.02
C TYR A 261 -18.25 7.47 -7.26
N VAL A 262 -19.31 8.24 -7.13
CA VAL A 262 -20.31 8.38 -8.20
C VAL A 262 -19.81 9.30 -9.32
N ASN A 263 -18.58 9.77 -9.18
CA ASN A 263 -17.94 10.61 -10.18
C ASN A 263 -16.69 9.94 -10.75
N HIS A 264 -16.58 8.63 -10.50
CA HIS A 264 -15.66 7.74 -11.22
C HIS A 264 -16.38 6.60 -11.96
N LEU A 265 -17.65 6.80 -12.33
CA LEU A 265 -18.42 5.73 -13.03
C LEU A 265 -18.03 5.44 -14.49
N ASP A 266 -17.78 6.49 -15.28
CA ASP A 266 -17.44 6.28 -16.69
C ASP A 266 -16.02 5.80 -16.82
N GLN A 267 -15.11 6.37 -16.03
CA GLN A 267 -13.71 5.94 -16.00
C GLN A 267 -13.51 4.43 -15.78
N ILE A 268 -14.15 3.91 -14.74
CA ILE A 268 -14.06 2.49 -14.41
C ILE A 268 -14.77 1.67 -15.50
N LYS A 269 -15.99 2.07 -15.86
CA LYS A 269 -16.76 1.53 -17.00
C LYS A 269 -15.93 1.35 -18.28
N GLU A 270 -15.31 2.45 -18.72
CA GLU A 270 -14.37 2.43 -19.83
C GLU A 270 -13.23 1.43 -19.63
N GLN A 271 -12.76 1.29 -18.39
CA GLN A 271 -11.66 0.39 -18.05
C GLN A 271 -12.11 -1.05 -18.17
N LEU A 272 -13.41 -1.26 -17.91
CA LEU A 272 -14.05 -2.56 -18.08
C LEU A 272 -14.09 -3.01 -19.52
N SER A 273 -13.90 -2.06 -20.44
CA SER A 273 -13.98 -2.35 -21.89
C SER A 273 -12.72 -2.97 -22.49
N ARG A 274 -11.71 -3.22 -21.65
CA ARG A 274 -10.35 -3.57 -22.08
C ARG A 274 -9.99 -4.97 -21.66
N THR A 275 -8.96 -5.53 -22.30
CA THR A 275 -8.73 -6.96 -22.31
C THR A 275 -7.31 -7.29 -21.79
N PRO A 276 -7.18 -7.67 -20.49
CA PRO A 276 -5.87 -7.95 -19.87
C PRO A 276 -4.87 -8.69 -20.79
N ARG A 277 -3.59 -8.47 -20.54
CA ARG A 277 -2.47 -9.07 -21.26
C ARG A 277 -1.62 -9.89 -20.29
N PRO A 278 -0.63 -10.65 -20.78
CA PRO A 278 0.09 -11.35 -19.76
C PRO A 278 0.57 -10.46 -18.62
N ALA A 279 0.57 -11.02 -17.42
CA ALA A 279 1.00 -10.28 -16.24
C ALA A 279 2.53 -10.18 -16.24
N PRO A 280 3.08 -9.05 -15.74
CA PRO A 280 4.52 -8.89 -15.55
C PRO A 280 5.07 -9.85 -14.51
N THR A 281 6.37 -10.07 -14.57
CA THR A 281 7.03 -10.86 -13.56
C THR A 281 8.07 -9.97 -12.86
N LEU A 282 8.09 -10.08 -11.54
CA LEU A 282 8.94 -9.26 -10.72
C LEU A 282 10.26 -9.95 -10.53
N GLN A 283 11.28 -9.15 -10.28
CA GLN A 283 12.64 -9.64 -10.10
C GLN A 283 13.28 -8.95 -8.91
N LEU A 284 13.84 -9.74 -8.01
CA LEU A 284 14.46 -9.23 -6.81
C LEU A 284 15.94 -9.67 -6.75
N ASN A 285 16.83 -8.77 -6.32
CA ASN A 285 18.27 -9.08 -6.29
C ASN A 285 18.57 -10.39 -5.56
N PRO A 286 19.35 -11.31 -6.18
CA PRO A 286 19.39 -12.68 -5.62
C PRO A 286 20.41 -12.93 -4.51
N ASP A 287 21.09 -11.89 -4.03
CA ASP A 287 21.86 -12.00 -2.80
C ASP A 287 21.93 -10.70 -1.99
N LYS A 288 20.78 -10.05 -1.89
CA LYS A 288 20.53 -9.14 -0.81
C LYS A 288 19.31 -9.81 -0.19
N HIS A 289 19.25 -9.90 1.14
CA HIS A 289 18.20 -10.64 1.79
C HIS A 289 17.44 -9.90 2.89
N ASP A 290 17.89 -8.74 3.36
CA ASP A 290 16.97 -8.02 4.29
C ASP A 290 16.26 -6.74 3.76
N ILE A 291 14.96 -6.87 3.59
CA ILE A 291 14.14 -5.94 2.82
C ILE A 291 14.04 -4.62 3.55
N PHE A 292 14.51 -4.63 4.80
CA PHE A 292 14.47 -3.40 5.58
C PHE A 292 15.57 -2.45 5.10
N ASP A 293 16.60 -3.00 4.47
CA ASP A 293 17.72 -2.20 3.99
C ASP A 293 17.69 -2.09 2.47
N PHE A 294 16.52 -2.32 1.88
CA PHE A 294 16.37 -2.30 0.43
C PHE A 294 16.32 -0.87 -0.10
N ASP A 295 16.80 -0.69 -1.33
CA ASP A 295 16.52 0.58 -2.10
C ASP A 295 16.07 0.09 -3.49
N MET A 296 15.63 1.04 -4.30
CA MET A 296 15.00 0.79 -5.58
C MET A 296 15.60 -0.28 -6.48
N LYS A 297 16.88 -0.13 -6.77
CA LYS A 297 17.53 -0.88 -7.81
C LYS A 297 17.47 -2.40 -7.53
N ASP A 298 16.96 -2.73 -6.34
CA ASP A 298 16.94 -4.11 -5.81
C ASP A 298 15.71 -4.91 -6.22
N ILE A 299 14.72 -4.20 -6.78
CA ILE A 299 13.46 -4.74 -7.26
C ILE A 299 13.24 -4.30 -8.70
N LYS A 300 13.11 -5.26 -9.60
CA LYS A 300 12.77 -4.95 -10.99
C LYS A 300 11.46 -5.63 -11.46
N LEU A 301 10.63 -4.84 -12.13
CA LEU A 301 9.43 -5.30 -12.85
C LEU A 301 9.75 -5.56 -14.34
N LEU A 302 9.53 -6.80 -14.78
CA LEU A 302 9.82 -7.24 -16.16
C LEU A 302 8.61 -7.48 -17.03
N ASN A 303 8.56 -6.78 -18.17
CA ASN A 303 7.56 -7.01 -19.22
C ASN A 303 6.17 -6.51 -18.82
N TYR A 304 6.14 -5.28 -18.27
CA TYR A 304 4.92 -4.67 -17.88
C TYR A 304 4.49 -3.88 -19.08
N ASP A 305 3.34 -4.24 -19.62
CA ASP A 305 2.79 -3.62 -20.84
C ASP A 305 1.34 -3.27 -20.64
N PRO A 306 1.05 -2.10 -20.04
CA PRO A 306 -0.29 -1.57 -19.75
C PRO A 306 -0.97 -0.74 -20.84
N TYR A 307 -2.32 -0.82 -20.89
CA TYR A 307 -3.17 0.14 -21.55
C TYR A 307 -2.87 1.43 -20.87
N PRO A 308 -3.28 2.59 -21.43
CA PRO A 308 -2.89 3.86 -20.83
C PRO A 308 -3.57 4.19 -19.50
N ALA A 309 -2.95 5.11 -18.75
CA ALA A 309 -3.54 5.72 -17.57
C ALA A 309 -4.83 6.48 -17.89
N ILE A 310 -5.69 6.63 -16.88
CA ILE A 310 -6.99 7.32 -17.01
C ILE A 310 -7.04 8.43 -15.95
N LYS A 311 -7.19 9.68 -16.38
CA LYS A 311 -7.37 10.79 -15.42
C LYS A 311 -8.73 10.72 -14.76
N ALA A 312 -8.79 11.17 -13.51
CA ALA A 312 -10.03 11.30 -12.73
C ALA A 312 -9.72 11.88 -11.34
N PRO A 313 -10.71 12.56 -10.71
CA PRO A 313 -12.06 12.88 -11.22
C PRO A 313 -12.06 14.01 -12.27
#